data_2X6X
#
_entry.id   2X6X
#
_cell.length_a   74.230
_cell.length_b   74.230
_cell.length_c   174.290
_cell.angle_alpha   90.00
_cell.angle_beta   90.00
_cell.angle_gamma   120.00
#
_symmetry.space_group_name_H-M   'P 3 2 1'
#
loop_
_entity.id
_entity.type
_entity.pdbx_description
1 polymer 'TAILSPIKE PROTEIN HK620'
2 branched alpha-L-rhamnopyranose-(1-6)-alpha-D-glucopyranose-(1-4)-[2-acetamido-2-deoxy-beta-D-glucopyranose-(1-3)]alpha-D-galactopyranose
3 non-polymer 2-AMINO-2-HYDROXYMETHYL-PROPANE-1,3-DIOL
4 water water
#
_entity_poly.entity_id   1
_entity_poly.type   'polypeptide(L)'
_entity_poly.pdbx_seq_one_letter_code
;DPDQFRAIIESPEGAGHVGYQYRRNTGSTMRMVSDVLDERVSLWDFHCDPSGNVIQPGPNVDSRQYLQAAIDYVSSNGGG
TITIPAGYTWYLGSYGVGGIAGHSGIIQLRSNVNLNIEGRIHLSPFFDLKPFQVFVGFDNGDPASSGNLENCHIYGHGVV
DFGGYEFGASSQLRNGVAFGRSYNCSVTGITFQNGDVTWAITLGWNGYGSNCYVRKCRFINLVNSSVNANHSTVYVNCPY
SGVESCYFSMSSSFARNIACSVELHQHDTFYRGSTVNGYCRGAYVVMHAAEAAGAGSYAYNMQVENNIAVIYGQFVILGS
DVTATVSGHLNDVIVSGNIVSIGERAAFSAPFGAFIDIGPDNSGASNVQDIQRVLVTGNSFYAPANITDSAAITLRANLN
GCTFIANNFDCRYMVYNAPGTTSPVVQNLVWDKSNVIGGTHANQRAGQNLFDMQFASVVNSTIEVQLSCEDLSMFSCILF
PASCQLSYSKITVDSAWTKSMSNTAVFEGNQQAGANVYVSYPATVNLTSYNTQGAVPFFSTDTNYAWVTSAYSLSINENL
DFSPPATYTNKANGQLVGVGYNEIGGVRSVSVRLMLQRQV
;
_entity_poly.pdbx_strand_id   A
#
loop_
_chem_comp.id
_chem_comp.type
_chem_comp.name
_chem_comp.formula
GLA D-saccharide, alpha linking alpha-D-galactopyranose 'C6 H12 O6'
GLC D-saccharide, alpha linking alpha-D-glucopyranose 'C6 H12 O6'
NAG D-saccharide, beta linking 2-acetamido-2-deoxy-beta-D-glucopyranose 'C8 H15 N O6'
RAM L-saccharide, alpha linking alpha-L-rhamnopyranose 'C6 H12 O5'
TRS non-polymer 2-AMINO-2-HYDROXYMETHYL-PROPANE-1,3-DIOL 'C4 H12 N O3 1'
#
# COMPACT_ATOMS: atom_id res chain seq x y z
N ASP A 3 67.44 18.83 -16.27
CA ASP A 3 66.05 19.13 -16.73
C ASP A 3 65.12 19.45 -15.55
N GLN A 4 65.18 20.69 -15.09
CA GLN A 4 64.37 21.15 -13.95
C GLN A 4 62.88 21.26 -14.29
N PHE A 5 62.61 21.86 -15.45
CA PHE A 5 61.24 21.99 -15.94
C PHE A 5 60.64 20.62 -16.19
N ARG A 6 61.42 19.70 -16.79
CA ARG A 6 61.00 18.30 -16.98
C ARG A 6 60.56 17.68 -15.67
N ALA A 7 61.32 17.89 -14.60
CA ALA A 7 61.01 17.34 -13.28
C ALA A 7 59.64 17.81 -12.78
N ILE A 8 59.37 19.11 -12.92
CA ILE A 8 58.09 19.67 -12.48
C ILE A 8 56.93 19.10 -13.32
N ILE A 9 57.12 19.08 -14.64
CA ILE A 9 56.07 18.59 -15.54
C ILE A 9 55.73 17.11 -15.28
N GLU A 10 56.72 16.31 -14.95
CA GLU A 10 56.48 14.88 -14.68
C GLU A 10 56.00 14.61 -13.25
N SER A 11 56.09 15.62 -12.39
CA SER A 11 55.65 15.49 -11.00
C SER A 11 54.13 15.59 -10.93
N PRO A 12 53.55 15.28 -9.75
CA PRO A 12 52.11 15.46 -9.57
C PRO A 12 51.62 16.91 -9.71
N GLU A 13 52.53 17.88 -9.66
CA GLU A 13 52.17 19.26 -9.88
C GLU A 13 52.35 19.69 -11.33
N GLY A 14 52.70 18.75 -12.21
CA GLY A 14 52.91 19.05 -13.63
C GLY A 14 51.76 19.75 -14.31
N ALA A 15 50.54 19.24 -14.09
CA ALA A 15 49.34 19.81 -14.71
C ALA A 15 49.12 21.26 -14.26
N GLY A 16 49.58 21.59 -13.07
CA GLY A 16 49.49 22.96 -12.53
C GLY A 16 50.50 23.95 -13.11
N HIS A 17 51.31 23.49 -14.08
CA HIS A 17 52.26 24.34 -14.78
C HIS A 17 52.00 24.44 -16.28
N VAL A 18 50.96 23.76 -16.76
CA VAL A 18 50.59 23.81 -18.18
C VAL A 18 49.43 24.75 -18.34
N GLY A 19 49.62 25.85 -19.06
CA GLY A 19 48.59 26.88 -19.19
C GLY A 19 47.46 26.48 -20.11
N TYR A 20 46.28 27.06 -19.86
CA TYR A 20 45.08 26.78 -20.64
C TYR A 20 44.19 28.01 -20.62
N GLN A 21 43.58 28.29 -21.77
CA GLN A 21 42.59 29.35 -21.89
C GLN A 21 41.51 28.82 -22.83
N TYR A 22 40.28 28.80 -22.34
CA TYR A 22 39.15 28.18 -23.01
C TYR A 22 39.02 28.64 -24.44
N ARG A 23 39.13 27.67 -25.35
CA ARG A 23 38.94 27.86 -26.80
C ARG A 23 39.76 29.04 -27.38
N ARG A 24 40.90 29.33 -26.76
CA ARG A 24 41.77 30.45 -27.15
C ARG A 24 41.05 31.79 -27.12
N ASN A 25 40.00 31.88 -26.28
CA ASN A 25 39.25 33.13 -26.16
C ASN A 25 40.06 34.11 -25.35
N THR A 26 40.39 35.26 -25.95
CA THR A 26 41.24 36.27 -25.31
C THR A 26 40.62 36.76 -24.00
N GLY A 27 39.29 36.76 -23.91
CA GLY A 27 38.59 37.22 -22.72
C GLY A 27 38.39 36.16 -21.64
N SER A 28 38.82 34.94 -21.90
CA SER A 28 38.71 33.85 -20.92
C SER A 28 39.86 33.83 -19.92
N THR A 29 39.62 33.13 -18.81
CA THR A 29 40.55 33.02 -17.72
C THR A 29 41.79 32.27 -18.16
N MET A 30 42.94 32.81 -17.79
CA MET A 30 44.22 32.15 -17.99
C MET A 30 44.42 31.18 -16.83
N ARG A 31 44.20 29.90 -17.12
CA ARG A 31 44.17 28.85 -16.11
C ARG A 31 45.33 27.88 -16.30
N MET A 32 45.41 26.89 -15.42
CA MET A 32 46.29 25.73 -15.60
C MET A 32 45.43 24.49 -15.82
N VAL A 33 45.98 23.52 -16.53
CA VAL A 33 45.25 22.28 -16.82
C VAL A 33 44.71 21.65 -15.55
N SER A 34 45.50 21.64 -14.48
CA SER A 34 45.07 21.10 -13.19
C SER A 34 43.75 21.74 -12.69
N ASP A 35 43.57 23.06 -12.90
CA ASP A 35 42.36 23.76 -12.46
C ASP A 35 41.11 23.20 -13.14
N VAL A 36 41.24 22.92 -14.43
CA VAL A 36 40.11 22.40 -15.20
C VAL A 36 39.81 20.95 -14.78
N LEU A 37 40.86 20.14 -14.62
CA LEU A 37 40.71 18.77 -14.14
C LEU A 37 40.10 18.72 -12.74
N ASP A 38 40.42 19.73 -11.92
CA ASP A 38 39.90 19.84 -10.56
C ASP A 38 38.40 20.15 -10.52
N GLU A 39 37.79 20.49 -11.67
CA GLU A 39 36.33 20.74 -11.74
C GLU A 39 35.50 19.47 -11.60
N ARG A 40 36.13 18.32 -11.80
CA ARG A 40 35.47 17.03 -11.61
C ARG A 40 36.34 16.19 -10.69
N VAL A 41 35.78 15.07 -10.23
CA VAL A 41 36.40 14.22 -9.24
C VAL A 41 35.75 12.84 -9.35
N SER A 42 36.59 11.80 -9.28
CA SER A 42 36.11 10.44 -9.36
C SER A 42 36.78 9.60 -8.31
N LEU A 43 36.29 8.37 -8.15
CA LEU A 43 36.91 7.43 -7.26
C LEU A 43 38.40 7.20 -7.61
N TRP A 44 38.75 7.34 -8.89
CA TRP A 44 40.15 7.13 -9.29
C TRP A 44 41.12 8.08 -8.60
N ASP A 45 40.60 9.22 -8.14
CA ASP A 45 41.41 10.23 -7.49
C ASP A 45 41.74 9.89 -6.05
N PHE A 46 41.14 8.82 -5.53
CA PHE A 46 41.38 8.36 -4.16
C PHE A 46 41.67 6.86 -4.04
N HIS A 47 41.60 6.14 -5.15
CA HIS A 47 41.69 4.67 -5.15
C HIS A 47 43.16 4.31 -5.41
N CYS A 48 43.99 4.60 -4.41
CA CYS A 48 45.44 4.48 -4.54
C CYS A 48 46.09 3.96 -3.28
N ASP A 49 47.31 3.47 -3.44
CA ASP A 49 48.07 2.93 -2.32
C ASP A 49 48.74 4.08 -1.56
N PRO A 50 49.47 3.77 -0.47
CA PRO A 50 50.10 4.84 0.31
C PRO A 50 51.16 5.67 -0.44
N SER A 51 51.69 5.13 -1.54
CA SER A 51 52.64 5.85 -2.38
C SER A 51 51.95 6.65 -3.50
N GLY A 52 50.62 6.58 -3.56
CA GLY A 52 49.84 7.31 -4.56
C GLY A 52 49.66 6.59 -5.88
N ASN A 53 50.07 5.32 -5.96
CA ASN A 53 49.85 4.53 -7.19
C ASN A 53 48.42 4.01 -7.25
N VAL A 54 47.75 4.21 -8.39
CA VAL A 54 46.36 3.79 -8.58
C VAL A 54 46.28 2.27 -8.35
N ILE A 55 45.20 1.85 -7.69
CA ILE A 55 44.89 0.44 -7.47
C ILE A 55 43.69 0.07 -8.35
N GLN A 56 43.77 -1.06 -9.06
CA GLN A 56 42.65 -1.51 -9.88
C GLN A 56 41.61 -2.17 -8.97
N PRO A 57 40.32 -1.82 -9.14
CA PRO A 57 39.31 -2.52 -8.36
C PRO A 57 39.15 -3.96 -8.82
N GLY A 58 38.50 -4.76 -8.00
CA GLY A 58 38.29 -6.18 -8.27
C GLY A 58 37.86 -6.92 -7.02
N PRO A 59 37.47 -8.20 -7.17
CA PRO A 59 36.92 -9.00 -6.06
C PRO A 59 37.88 -9.17 -4.92
N ASN A 60 39.16 -8.99 -5.24
CA ASN A 60 40.27 -9.13 -4.31
C ASN A 60 40.70 -7.79 -3.67
N VAL A 61 40.00 -6.69 -4.01
CA VAL A 61 40.30 -5.36 -3.47
C VAL A 61 39.08 -4.79 -2.76
N ASP A 62 39.30 -4.32 -1.51
CA ASP A 62 38.27 -3.61 -0.74
C ASP A 62 38.34 -2.11 -1.07
N SER A 63 37.34 -1.59 -1.78
CA SER A 63 37.33 -0.19 -2.19
C SER A 63 36.79 0.76 -1.14
N ARG A 64 36.32 0.24 -0.01
CA ARG A 64 35.63 1.08 0.96
C ARG A 64 36.44 2.29 1.42
N GLN A 65 37.67 2.08 1.88
CA GLN A 65 38.43 3.18 2.48
C GLN A 65 38.67 4.30 1.47
N TYR A 66 38.80 3.93 0.19
CA TYR A 66 39.09 4.90 -0.85
C TYR A 66 37.86 5.74 -1.16
N LEU A 67 36.70 5.09 -1.20
CA LEU A 67 35.45 5.81 -1.45
C LEU A 67 35.15 6.73 -0.29
N GLN A 68 35.41 6.26 0.92
CA GLN A 68 35.20 7.10 2.10
C GLN A 68 36.14 8.31 2.07
N ALA A 69 37.39 8.10 1.64
CA ALA A 69 38.34 9.21 1.61
C ALA A 69 37.84 10.27 0.61
N ALA A 70 37.29 9.81 -0.51
CA ALA A 70 36.78 10.72 -1.53
C ALA A 70 35.64 11.56 -0.97
N ILE A 71 34.66 10.90 -0.33
CA ILE A 71 33.53 11.58 0.29
C ILE A 71 33.97 12.56 1.38
N ASP A 72 34.88 12.13 2.24
CA ASP A 72 35.41 13.00 3.31
C ASP A 72 36.08 14.25 2.76
N TYR A 73 36.87 14.09 1.70
CA TYR A 73 37.57 15.21 1.10
C TYR A 73 36.60 16.20 0.44
N VAL A 74 35.70 15.69 -0.39
CA VAL A 74 34.78 16.58 -1.11
C VAL A 74 33.90 17.30 -0.11
N SER A 75 33.52 16.61 0.97
CA SER A 75 32.76 17.22 2.06
C SER A 75 33.46 18.48 2.59
N SER A 76 34.77 18.36 2.79
CA SER A 76 35.60 19.45 3.32
C SER A 76 35.68 20.70 2.43
N ASN A 77 35.43 20.54 1.12
CA ASN A 77 35.45 21.66 0.17
C ASN A 77 34.06 22.28 -0.11
N GLY A 78 33.07 21.95 0.70
CA GLY A 78 31.70 22.45 0.49
C GLY A 78 30.86 21.58 -0.43
N GLY A 79 31.41 20.44 -0.84
CA GLY A 79 30.64 19.47 -1.60
C GLY A 79 30.96 19.43 -3.09
N GLY A 80 30.21 18.56 -3.77
CA GLY A 80 30.41 18.26 -5.18
C GLY A 80 29.86 16.87 -5.49
N THR A 81 30.19 16.38 -6.67
CA THR A 81 29.71 15.06 -7.14
C THR A 81 30.88 14.12 -7.48
N ILE A 82 30.95 13.00 -6.78
CA ILE A 82 31.99 11.99 -7.04
C ILE A 82 31.45 10.94 -7.98
N THR A 83 32.14 10.73 -9.10
CA THR A 83 31.75 9.67 -10.04
C THR A 83 32.37 8.34 -9.67
N ILE A 84 31.54 7.29 -9.70
CA ILE A 84 31.98 5.91 -9.54
C ILE A 84 32.01 5.34 -10.96
N PRO A 85 33.21 5.22 -11.55
CA PRO A 85 33.30 5.03 -13.00
C PRO A 85 32.63 3.79 -13.58
N ALA A 86 32.07 3.99 -14.77
CA ALA A 86 31.50 2.93 -15.60
C ALA A 86 32.60 2.01 -16.09
N GLY A 87 32.23 0.75 -16.33
CA GLY A 87 33.14 -0.26 -16.89
C GLY A 87 33.98 -0.97 -15.84
N TYR A 88 33.68 -0.72 -14.58
CA TYR A 88 34.37 -1.32 -13.45
C TYR A 88 33.37 -1.75 -12.38
N THR A 89 33.70 -2.83 -11.68
CA THR A 89 32.96 -3.23 -10.49
C THR A 89 33.84 -2.93 -9.30
N TRP A 90 33.28 -2.19 -8.35
CA TRP A 90 33.98 -1.69 -7.18
C TRP A 90 33.44 -2.46 -5.99
N TYR A 91 34.25 -3.30 -5.39
CA TYR A 91 33.81 -4.16 -4.29
C TYR A 91 34.03 -3.50 -2.93
N LEU A 92 33.07 -3.72 -2.03
CA LEU A 92 33.17 -3.28 -0.65
C LEU A 92 33.34 -4.51 0.23
N GLY A 93 34.31 -4.48 1.15
CA GLY A 93 34.70 -5.72 1.88
C GLY A 93 35.03 -5.58 3.37
N SER A 94 34.61 -4.46 3.97
CA SER A 94 34.81 -4.20 5.39
C SER A 94 33.75 -3.22 5.87
N TYR A 95 33.57 -3.15 7.18
CA TYR A 95 32.68 -2.17 7.78
C TYR A 95 33.36 -0.81 7.90
N GLY A 96 32.53 0.24 7.94
CA GLY A 96 32.98 1.58 8.22
C GLY A 96 33.21 1.74 9.70
N VAL A 97 33.70 2.91 10.08
CA VAL A 97 34.06 3.17 11.47
C VAL A 97 33.45 4.48 11.94
N GLY A 98 33.38 4.65 13.26
CA GLY A 98 32.80 5.83 13.85
C GLY A 98 31.28 5.72 13.95
N GLY A 99 30.61 6.82 13.64
CA GLY A 99 29.19 6.98 13.87
C GLY A 99 28.31 6.00 13.12
N ILE A 100 28.76 5.48 11.99
CA ILE A 100 27.94 4.52 11.25
C ILE A 100 28.12 3.07 11.71
N ALA A 101 29.07 2.79 12.60
CA ALA A 101 29.30 1.43 13.11
C ALA A 101 28.07 0.84 13.81
N GLY A 102 27.35 1.69 14.55
CA GLY A 102 26.11 1.27 15.21
C GLY A 102 24.98 0.91 14.26
N HIS A 103 25.16 1.20 12.98
CA HIS A 103 24.17 0.90 11.95
C HIS A 103 24.70 -0.18 11.00
N SER A 104 25.76 -0.87 11.41
CA SER A 104 26.45 -1.82 10.55
C SER A 104 26.80 -1.18 9.21
N GLY A 105 27.19 0.09 9.28
CA GLY A 105 27.40 0.90 8.08
C GLY A 105 28.67 0.54 7.33
N ILE A 106 28.62 0.66 6.00
CA ILE A 106 29.82 0.48 5.18
C ILE A 106 30.43 1.83 4.81
N ILE A 107 29.66 2.65 4.09
CA ILE A 107 30.09 3.99 3.67
C ILE A 107 29.26 5.03 4.41
N GLN A 108 29.92 6.08 4.88
CA GLN A 108 29.22 7.21 5.48
C GLN A 108 28.99 8.32 4.45
N LEU A 109 27.72 8.64 4.19
CA LEU A 109 27.35 9.76 3.31
C LEU A 109 27.56 11.06 4.08
N ARG A 110 27.85 12.12 3.33
CA ARG A 110 28.02 13.42 3.92
C ARG A 110 27.30 14.50 3.13
N SER A 111 26.91 15.54 3.84
CA SER A 111 26.10 16.59 3.23
C SER A 111 26.78 17.26 2.05
N ASN A 112 25.98 17.56 1.04
CA ASN A 112 26.42 18.21 -0.22
C ASN A 112 27.34 17.37 -1.12
N VAL A 113 27.57 16.11 -0.74
CA VAL A 113 28.41 15.23 -1.55
C VAL A 113 27.53 14.20 -2.23
N ASN A 114 27.38 14.36 -3.53
CA ASN A 114 26.58 13.47 -4.35
C ASN A 114 27.45 12.34 -4.89
N LEU A 115 26.82 11.20 -5.16
CA LEU A 115 27.49 10.10 -5.82
C LEU A 115 26.82 9.83 -7.15
N ASN A 116 27.59 10.00 -8.22
CA ASN A 116 27.16 9.60 -9.55
C ASN A 116 27.68 8.19 -9.82
N ILE A 117 26.82 7.20 -9.58
CA ILE A 117 27.19 5.80 -9.72
C ILE A 117 26.91 5.35 -11.15
N GLU A 118 27.95 5.25 -11.96
CA GLU A 118 27.83 4.76 -13.33
C GLU A 118 28.28 3.30 -13.46
N GLY A 119 29.25 2.90 -12.64
CA GLY A 119 29.69 1.52 -12.57
C GLY A 119 28.90 0.69 -11.58
N ARG A 120 29.47 -0.44 -11.18
CA ARG A 120 28.80 -1.34 -10.26
C ARG A 120 29.47 -1.32 -8.90
N ILE A 121 28.66 -1.35 -7.87
CA ILE A 121 29.13 -1.52 -6.50
C ILE A 121 28.62 -2.87 -6.02
N HIS A 122 29.52 -3.73 -5.57
CA HIS A 122 29.25 -5.13 -5.24
C HIS A 122 29.75 -5.41 -3.82
N LEU A 123 28.99 -6.19 -3.07
CA LEU A 123 29.43 -6.62 -1.72
C LEU A 123 30.24 -7.91 -1.79
N SER A 124 31.38 -7.92 -1.10
CA SER A 124 32.27 -9.06 -1.04
C SER A 124 31.80 -10.08 -0.02
N PRO A 125 32.32 -11.32 -0.08
CA PRO A 125 31.75 -12.36 0.78
C PRO A 125 32.01 -12.18 2.28
N PHE A 126 32.87 -11.22 2.63
CA PHE A 126 32.97 -10.75 4.00
C PHE A 126 31.58 -10.55 4.62
N PHE A 127 30.66 -10.01 3.83
CA PHE A 127 29.32 -9.69 4.35
C PHE A 127 28.33 -10.85 4.39
N ASP A 128 28.74 -12.01 3.89
CA ASP A 128 27.87 -13.17 3.89
C ASP A 128 27.45 -13.49 5.32
N LEU A 129 26.13 -13.65 5.51
CA LEU A 129 25.51 -13.99 6.80
C LEU A 129 25.61 -12.90 7.86
N LYS A 130 25.97 -11.69 7.43
CA LYS A 130 26.18 -10.57 8.34
C LYS A 130 25.20 -9.44 8.05
N PRO A 131 24.92 -8.59 9.05
CA PRO A 131 24.16 -7.37 8.77
C PRO A 131 24.98 -6.31 8.05
N PHE A 132 24.32 -5.41 7.34
CA PHE A 132 25.02 -4.31 6.73
C PHE A 132 24.06 -3.25 6.28
N GLN A 133 24.52 -2.00 6.30
CA GLN A 133 23.80 -0.91 5.65
C GLN A 133 24.81 -0.19 4.81
N VAL A 134 24.64 -0.28 3.50
CA VAL A 134 25.73 0.07 2.57
C VAL A 134 26.14 1.54 2.64
N PHE A 135 25.15 2.44 2.58
CA PHE A 135 25.37 3.88 2.61
C PHE A 135 24.53 4.45 3.75
N VAL A 136 25.18 5.09 4.71
CA VAL A 136 24.51 5.58 5.91
C VAL A 136 24.75 7.08 6.10
N GLY A 137 23.66 7.81 6.27
CA GLY A 137 23.71 9.27 6.44
C GLY A 137 23.65 9.75 7.88
N PHE A 138 23.38 8.84 8.82
CA PHE A 138 23.53 9.18 10.23
C PHE A 138 25.01 9.40 10.52
N ASP A 139 25.32 10.23 11.52
CA ASP A 139 26.72 10.42 11.91
C ASP A 139 26.96 9.98 13.36
N ASN A 140 25.99 9.29 13.94
CA ASN A 140 26.03 8.79 15.31
C ASN A 140 25.30 7.45 15.39
N GLY A 141 25.83 6.54 16.23
CA GLY A 141 25.22 5.24 16.42
C GLY A 141 23.80 5.35 16.95
N ASP A 142 23.55 6.40 17.73
CA ASP A 142 22.22 6.70 18.23
C ASP A 142 21.57 7.71 17.29
N PRO A 143 20.54 7.30 16.53
CA PRO A 143 19.94 8.27 15.62
C PRO A 143 19.41 9.54 16.29
N ALA A 144 18.99 9.45 17.56
CA ALA A 144 18.50 10.62 18.28
C ALA A 144 19.58 11.67 18.51
N SER A 145 20.85 11.24 18.50
CA SER A 145 21.96 12.16 18.72
C SER A 145 22.66 12.53 17.41
N SER A 146 22.21 11.94 16.30
CA SER A 146 22.80 12.19 14.98
C SER A 146 22.50 13.60 14.46
N GLY A 147 23.46 14.15 13.74
CA GLY A 147 23.22 15.34 12.95
C GLY A 147 22.45 15.00 11.68
N ASN A 148 22.19 16.01 10.88
CA ASN A 148 21.42 15.86 9.63
C ASN A 148 22.30 15.50 8.45
N LEU A 149 21.69 14.88 7.44
CA LEU A 149 22.28 14.79 6.11
C LEU A 149 21.45 15.68 5.20
N GLU A 150 22.09 16.60 4.49
CA GLU A 150 21.42 17.55 3.59
C GLU A 150 22.03 17.50 2.20
N ASN A 151 21.18 17.62 1.18
CA ASN A 151 21.64 17.87 -0.17
C ASN A 151 22.56 16.75 -0.65
N CYS A 152 22.13 15.51 -0.46
CA CYS A 152 22.87 14.35 -0.89
C CYS A 152 22.06 13.54 -1.90
N HIS A 153 22.56 13.50 -3.14
CA HIS A 153 21.88 12.82 -4.23
C HIS A 153 22.75 11.71 -4.79
N ILE A 154 22.15 10.54 -4.94
CA ILE A 154 22.79 9.36 -5.52
C ILE A 154 22.07 9.09 -6.84
N TYR A 155 22.78 9.12 -7.94
CA TYR A 155 22.14 8.95 -9.24
C TYR A 155 23.07 8.34 -10.25
N GLY A 156 22.50 7.86 -11.35
CA GLY A 156 23.28 7.29 -12.45
C GLY A 156 22.63 6.05 -13.00
N HIS A 157 23.31 5.42 -13.95
CA HIS A 157 22.84 4.21 -14.59
C HIS A 157 23.45 2.95 -13.95
N GLY A 158 24.12 3.14 -12.81
CA GLY A 158 24.86 2.08 -12.16
C GLY A 158 24.02 1.17 -11.30
N VAL A 159 24.70 0.32 -10.55
CA VAL A 159 24.12 -0.84 -9.92
C VAL A 159 24.72 -1.04 -8.55
N VAL A 160 23.87 -1.30 -7.57
CA VAL A 160 24.27 -1.78 -6.24
C VAL A 160 23.84 -3.23 -6.16
N ASP A 161 24.80 -4.13 -6.00
CA ASP A 161 24.56 -5.57 -6.02
C ASP A 161 24.92 -6.14 -4.65
N PHE A 162 23.94 -6.76 -4.00
CA PHE A 162 24.12 -7.18 -2.62
C PHE A 162 24.75 -8.57 -2.50
N GLY A 163 25.29 -9.10 -3.60
CA GLY A 163 26.08 -10.33 -3.58
C GLY A 163 25.33 -11.64 -3.44
N GLY A 164 24.01 -11.57 -3.28
CA GLY A 164 23.18 -12.78 -3.14
C GLY A 164 23.21 -13.42 -1.77
N TYR A 165 23.91 -12.79 -0.83
CA TYR A 165 24.13 -13.43 0.48
C TYR A 165 22.85 -13.46 1.27
N GLU A 166 22.56 -14.61 1.88
CA GLU A 166 21.43 -14.75 2.76
C GLU A 166 21.70 -14.09 4.10
N PHE A 167 20.62 -13.71 4.77
CA PHE A 167 20.67 -13.31 6.16
C PHE A 167 21.25 -14.46 6.99
N GLY A 168 22.05 -14.11 7.99
CA GLY A 168 22.55 -15.09 8.93
C GLY A 168 21.62 -15.39 10.08
N ALA A 169 20.79 -14.42 10.44
CA ALA A 169 19.81 -14.54 11.53
C ALA A 169 18.68 -13.59 11.24
N SER A 170 17.47 -13.98 11.62
CA SER A 170 16.28 -13.18 11.35
C SER A 170 16.32 -11.80 12.01
N SER A 171 17.04 -11.69 13.12
CA SER A 171 17.14 -10.42 13.85
C SER A 171 18.05 -9.36 13.21
N GLN A 172 18.83 -9.77 12.20
CA GLN A 172 19.79 -8.89 11.55
C GLN A 172 19.03 -7.92 10.68
N LEU A 173 19.63 -6.75 10.42
CA LEU A 173 19.06 -5.77 9.51
C LEU A 173 20.04 -5.52 8.37
N ARG A 174 19.49 -5.32 7.18
CA ARG A 174 20.28 -4.96 6.01
C ARG A 174 19.55 -3.90 5.20
N ASN A 175 20.31 -2.93 4.73
CA ASN A 175 19.81 -1.78 3.97
C ASN A 175 20.81 -1.41 2.85
N GLY A 176 20.32 -0.75 1.80
CA GLY A 176 21.17 -0.20 0.76
C GLY A 176 21.56 1.23 1.09
N VAL A 177 20.57 2.12 1.15
CA VAL A 177 20.80 3.52 1.49
C VAL A 177 19.93 3.90 2.68
N ALA A 178 20.56 4.29 3.79
CA ALA A 178 19.85 4.92 4.92
C ALA A 178 20.27 6.36 4.95
N PHE A 179 19.42 7.25 4.43
CA PHE A 179 19.80 8.65 4.38
C PHE A 179 19.87 9.32 5.77
N GLY A 180 19.17 8.75 6.74
CA GLY A 180 19.21 9.24 8.11
C GLY A 180 18.22 10.36 8.32
N ARG A 181 18.64 11.39 9.04
CA ARG A 181 17.83 12.56 9.27
C ARG A 181 18.07 13.48 8.09
N SER A 182 17.27 13.26 7.04
CA SER A 182 17.67 13.56 5.70
C SER A 182 16.79 14.64 5.05
N TYR A 183 17.45 15.68 4.58
CA TYR A 183 16.78 16.84 4.01
C TYR A 183 17.32 17.09 2.61
N ASN A 184 16.42 17.09 1.64
CA ASN A 184 16.80 17.23 0.23
C ASN A 184 17.84 16.18 -0.22
N CYS A 185 17.45 14.92 -0.13
CA CYS A 185 18.25 13.78 -0.55
C CYS A 185 17.44 12.92 -1.49
N SER A 186 18.10 12.27 -2.44
CA SER A 186 17.38 11.47 -3.42
C SER A 186 18.22 10.37 -4.02
N VAL A 187 17.53 9.34 -4.50
CA VAL A 187 18.14 8.30 -5.32
C VAL A 187 17.40 8.22 -6.65
N THR A 188 18.13 8.30 -7.76
CA THR A 188 17.56 8.35 -9.10
C THR A 188 18.31 7.43 -10.06
N GLY A 189 17.59 6.51 -10.71
CA GLY A 189 18.15 5.73 -11.82
C GLY A 189 18.89 4.45 -11.47
N ILE A 190 19.14 4.25 -10.19
CA ILE A 190 20.01 3.18 -9.71
C ILE A 190 19.23 1.85 -9.70
N THR A 191 19.91 0.75 -10.05
CA THR A 191 19.41 -0.61 -9.92
C THR A 191 19.98 -1.28 -8.66
N PHE A 192 19.10 -1.68 -7.76
CA PHE A 192 19.48 -2.39 -6.54
C PHE A 192 19.07 -3.84 -6.78
N GLN A 193 20.00 -4.79 -6.66
CA GLN A 193 19.68 -6.17 -7.01
C GLN A 193 20.38 -7.21 -6.19
N ASN A 194 19.82 -8.41 -6.22
CA ASN A 194 20.53 -9.64 -5.87
C ASN A 194 20.90 -9.68 -4.40
N GLY A 195 19.90 -9.71 -3.54
CA GLY A 195 20.16 -9.75 -2.09
C GLY A 195 19.09 -10.40 -1.24
N ASP A 196 19.35 -10.35 0.06
CA ASP A 196 18.39 -10.73 1.07
C ASP A 196 18.48 -9.60 2.08
N VAL A 197 17.64 -8.58 1.93
CA VAL A 197 17.75 -7.38 2.75
C VAL A 197 16.44 -6.99 3.42
N THR A 198 16.51 -6.08 4.37
CA THR A 198 15.33 -5.58 5.08
C THR A 198 14.65 -4.45 4.30
N TRP A 199 15.48 -3.53 3.80
CA TRP A 199 15.06 -2.40 2.94
C TRP A 199 16.15 -2.22 1.88
N ALA A 200 15.79 -1.65 0.73
CA ALA A 200 16.79 -1.11 -0.18
C ALA A 200 17.16 0.34 0.17
N ILE A 201 16.15 1.15 0.48
CA ILE A 201 16.35 2.55 0.80
C ILE A 201 15.43 2.96 1.95
N THR A 202 15.97 3.70 2.91
CA THR A 202 15.15 4.34 3.92
C THR A 202 15.37 5.86 3.83
N LEU A 203 14.27 6.59 3.98
CA LEU A 203 14.27 8.06 3.93
C LEU A 203 13.83 8.60 5.28
N GLY A 204 14.62 9.51 5.86
CA GLY A 204 14.26 10.10 7.14
C GLY A 204 14.45 9.19 8.34
N TRP A 205 14.14 9.73 9.51
CA TRP A 205 14.20 8.98 10.75
C TRP A 205 13.15 9.55 11.70
N ASN A 206 12.10 8.77 11.97
CA ASN A 206 11.03 9.13 12.91
C ASN A 206 10.52 10.54 12.71
N GLY A 207 10.27 10.88 11.46
CA GLY A 207 9.70 12.19 11.11
C GLY A 207 10.67 13.32 10.87
N TYR A 208 11.94 13.10 11.18
CA TYR A 208 12.99 14.06 10.90
C TYR A 208 13.47 13.89 9.47
N GLY A 209 13.43 15.00 8.74
CA GLY A 209 13.78 14.99 7.33
C GLY A 209 12.73 15.69 6.49
N SER A 210 13.05 15.85 5.21
CA SER A 210 12.13 16.51 4.30
C SER A 210 12.62 16.38 2.87
N ASN A 211 11.72 16.39 1.89
CA ASN A 211 12.11 16.44 0.48
C ASN A 211 13.13 15.38 0.10
N CYS A 212 12.76 14.13 0.39
CA CYS A 212 13.54 12.96 -0.01
C CYS A 212 12.74 12.12 -0.97
N TYR A 213 13.39 11.70 -2.05
CA TYR A 213 12.69 11.05 -3.15
C TYR A 213 13.48 9.90 -3.72
N VAL A 214 12.76 8.92 -4.24
CA VAL A 214 13.30 7.79 -4.97
C VAL A 214 12.56 7.78 -6.31
N ARG A 215 13.30 7.93 -7.40
CA ARG A 215 12.71 8.09 -8.72
C ARG A 215 13.46 7.26 -9.73
N LYS A 216 12.73 6.55 -10.59
CA LYS A 216 13.31 5.83 -11.73
C LYS A 216 14.37 4.80 -11.34
N CYS A 217 14.20 4.20 -10.16
CA CYS A 217 15.08 3.13 -9.67
C CYS A 217 14.45 1.78 -9.93
N ARG A 218 15.30 0.76 -10.00
CA ARG A 218 14.86 -0.61 -10.10
C ARG A 218 15.32 -1.38 -8.86
N PHE A 219 14.45 -2.25 -8.36
CA PHE A 219 14.71 -3.10 -7.21
C PHE A 219 14.37 -4.53 -7.60
N ILE A 220 15.38 -5.38 -7.66
CA ILE A 220 15.23 -6.70 -8.27
C ILE A 220 15.82 -7.79 -7.38
N ASN A 221 14.95 -8.71 -6.96
CA ASN A 221 15.36 -9.93 -6.24
C ASN A 221 16.13 -9.61 -4.97
N LEU A 222 15.44 -8.93 -4.06
CA LEU A 222 16.05 -8.43 -2.83
C LEU A 222 15.62 -9.18 -1.58
N VAL A 223 14.90 -10.28 -1.78
CA VAL A 223 14.62 -11.26 -0.72
C VAL A 223 14.93 -12.63 -1.30
N ASN A 224 15.64 -13.47 -0.56
CA ASN A 224 15.96 -14.79 -1.11
C ASN A 224 15.98 -15.95 -0.09
N SER A 225 15.62 -15.70 1.16
CA SER A 225 15.73 -16.75 2.17
C SER A 225 14.58 -16.76 3.18
N SER A 226 14.39 -17.93 3.79
CA SER A 226 13.42 -18.12 4.87
C SER A 226 13.84 -17.43 6.15
N VAL A 227 15.11 -17.03 6.25
CA VAL A 227 15.62 -16.35 7.45
C VAL A 227 15.13 -14.90 7.53
N ASN A 228 15.03 -14.26 6.37
CA ASN A 228 14.60 -12.87 6.27
C ASN A 228 13.27 -12.68 7.01
N ALA A 229 13.26 -11.81 8.03
CA ALA A 229 12.07 -11.63 8.88
C ALA A 229 10.99 -10.80 8.18
N ASN A 230 11.43 -9.82 7.41
CA ASN A 230 10.53 -8.79 6.87
C ASN A 230 11.27 -7.96 5.86
N HIS A 231 10.57 -7.47 4.84
CA HIS A 231 11.18 -6.62 3.83
C HIS A 231 10.21 -5.58 3.35
N SER A 232 10.65 -4.31 3.35
CA SER A 232 9.96 -3.23 2.65
C SER A 232 10.98 -2.49 1.84
N THR A 233 10.80 -2.43 0.52
CA THR A 233 11.88 -1.95 -0.32
C THR A 233 12.27 -0.49 -0.07
N VAL A 234 11.28 0.40 0.00
CA VAL A 234 11.52 1.80 0.33
C VAL A 234 10.67 2.17 1.53
N TYR A 235 11.30 2.70 2.58
CA TYR A 235 10.61 3.09 3.81
C TYR A 235 10.71 4.62 3.93
N VAL A 236 9.58 5.29 3.81
CA VAL A 236 9.54 6.75 3.81
C VAL A 236 9.15 7.26 5.19
N ASN A 237 10.16 7.72 5.95
CA ASN A 237 9.97 8.12 7.34
C ASN A 237 10.27 9.61 7.59
N CYS A 238 10.08 10.42 6.56
CA CYS A 238 10.06 11.87 6.68
C CYS A 238 8.99 12.48 5.78
N PRO A 239 8.47 13.67 6.14
CA PRO A 239 7.40 14.24 5.33
C PRO A 239 7.89 14.86 4.00
N TYR A 240 6.94 15.24 3.14
CA TYR A 240 7.23 15.91 1.87
C TYR A 240 8.24 15.12 1.04
N SER A 241 7.95 13.83 0.91
CA SER A 241 8.86 12.84 0.35
C SER A 241 8.06 11.78 -0.35
N GLY A 242 8.70 11.02 -1.23
CA GLY A 242 8.00 9.94 -1.92
C GLY A 242 8.78 9.16 -2.93
N VAL A 243 8.04 8.26 -3.57
CA VAL A 243 8.57 7.29 -4.53
C VAL A 243 7.76 7.43 -5.80
N GLU A 244 8.44 7.52 -6.94
CA GLU A 244 7.81 7.80 -8.23
C GLU A 244 8.51 7.03 -9.35
N SER A 245 7.72 6.37 -10.19
CA SER A 245 8.23 5.80 -11.46
C SER A 245 9.33 4.77 -11.23
N CYS A 246 9.12 3.87 -10.27
CA CYS A 246 10.10 2.87 -9.93
C CYS A 246 9.60 1.50 -10.36
N TYR A 247 10.50 0.53 -10.39
CA TYR A 247 10.19 -0.85 -10.76
C TYR A 247 10.66 -1.76 -9.64
N PHE A 248 9.74 -2.61 -9.19
CA PHE A 248 10.01 -3.53 -8.10
C PHE A 248 9.67 -4.96 -8.54
N SER A 249 10.64 -5.87 -8.49
CA SER A 249 10.40 -7.26 -8.86
C SER A 249 11.06 -8.22 -7.87
N MET A 250 10.31 -9.26 -7.51
CA MET A 250 10.83 -10.36 -6.71
C MET A 250 10.46 -11.68 -7.40
N SER A 251 11.32 -12.68 -7.24
CA SER A 251 11.05 -14.03 -7.78
C SER A 251 10.97 -15.10 -6.70
N SER A 252 11.46 -14.82 -5.50
CA SER A 252 11.47 -15.85 -4.45
C SER A 252 10.08 -16.05 -3.86
N SER A 253 9.80 -17.30 -3.51
CA SER A 253 8.59 -17.65 -2.81
C SER A 253 8.46 -16.90 -1.51
N PHE A 254 9.57 -16.67 -0.82
CA PHE A 254 9.54 -15.99 0.47
C PHE A 254 9.04 -14.55 0.34
N ALA A 255 9.37 -13.88 -0.77
CA ALA A 255 8.96 -12.50 -1.00
C ALA A 255 7.43 -12.40 -1.04
N ARG A 256 6.77 -13.44 -1.53
CA ARG A 256 5.30 -13.46 -1.65
C ARG A 256 4.60 -13.49 -0.30
N ASN A 257 5.35 -13.82 0.76
CA ASN A 257 4.84 -13.89 2.10
C ASN A 257 5.34 -12.78 3.01
N ILE A 258 6.49 -12.17 2.70
CA ILE A 258 7.06 -11.15 3.61
C ILE A 258 7.35 -9.76 3.03
N ALA A 259 7.35 -9.59 1.71
CA ALA A 259 7.89 -8.36 1.10
C ALA A 259 6.80 -7.37 0.74
N CYS A 260 7.05 -6.11 1.08
CA CYS A 260 6.25 -4.95 0.69
C CYS A 260 7.10 -4.00 -0.15
N SER A 261 6.51 -3.31 -1.13
CA SER A 261 7.34 -2.44 -1.96
C SER A 261 7.68 -1.13 -1.27
N VAL A 262 6.71 -0.51 -0.58
CA VAL A 262 6.90 0.83 -0.03
C VAL A 262 6.17 0.93 1.30
N GLU A 263 6.71 1.70 2.24
CA GLU A 263 5.93 2.12 3.41
C GLU A 263 5.95 3.64 3.48
N LEU A 264 4.77 4.22 3.66
CA LEU A 264 4.65 5.68 3.84
C LEU A 264 4.24 5.95 5.29
N HIS A 265 5.10 6.65 6.04
CA HIS A 265 4.95 6.77 7.48
C HIS A 265 4.87 8.19 8.03
N GLN A 266 4.84 9.20 7.16
CA GLN A 266 4.75 10.58 7.59
C GLN A 266 3.91 11.37 6.60
N HIS A 267 3.52 12.57 6.98
CA HIS A 267 2.55 13.34 6.21
C HIS A 267 3.13 13.85 4.91
N ASP A 268 2.24 14.12 3.96
CA ASP A 268 2.61 14.66 2.65
C ASP A 268 3.62 13.75 1.97
N THR A 269 3.30 12.47 1.91
CA THR A 269 4.14 11.49 1.21
C THR A 269 3.33 10.74 0.15
N PHE A 270 4.05 10.24 -0.84
CA PHE A 270 3.43 9.65 -2.00
C PHE A 270 4.14 8.44 -2.56
N TYR A 271 3.37 7.65 -3.29
CA TYR A 271 3.84 6.49 -4.02
C TYR A 271 3.08 6.43 -5.32
N ARG A 272 3.77 6.72 -6.43
CA ARG A 272 3.08 6.92 -7.70
C ARG A 272 3.79 6.26 -8.86
N GLY A 273 3.01 5.87 -9.86
CA GLY A 273 3.53 5.54 -11.18
C GLY A 273 4.53 4.41 -11.24
N SER A 274 4.43 3.47 -10.30
CA SER A 274 5.39 2.41 -10.18
C SER A 274 4.78 1.04 -10.52
N THR A 275 5.64 0.10 -10.88
CA THR A 275 5.25 -1.26 -11.27
C THR A 275 5.88 -2.23 -10.26
N VAL A 276 5.04 -3.12 -9.75
CA VAL A 276 5.41 -4.11 -8.72
C VAL A 276 5.03 -5.50 -9.21
N ASN A 277 5.97 -6.45 -9.08
CA ASN A 277 5.68 -7.87 -9.35
C ASN A 277 6.34 -8.77 -8.32
N GLY A 278 5.60 -9.77 -7.85
CA GLY A 278 6.17 -10.84 -7.02
C GLY A 278 6.23 -10.57 -5.52
N TYR A 279 5.64 -9.46 -5.08
CA TYR A 279 5.64 -9.05 -3.69
C TYR A 279 4.40 -9.52 -2.98
N CYS A 280 4.49 -9.61 -1.65
CA CYS A 280 3.32 -9.83 -0.82
C CYS A 280 2.41 -8.60 -0.84
N ARG A 281 3.01 -7.43 -0.61
CA ARG A 281 2.25 -6.21 -0.35
C ARG A 281 2.73 -5.04 -1.20
N GLY A 282 1.81 -4.12 -1.46
CA GLY A 282 2.12 -2.91 -2.23
C GLY A 282 2.70 -1.80 -1.36
N ALA A 283 1.89 -1.30 -0.44
CA ALA A 283 2.32 -0.23 0.44
C ALA A 283 1.60 -0.26 1.78
N TYR A 284 2.36 -0.07 2.85
CA TYR A 284 1.82 0.28 4.14
C TYR A 284 1.69 1.80 4.19
N VAL A 285 0.56 2.28 4.68
CA VAL A 285 0.31 3.72 4.91
C VAL A 285 -0.15 3.81 6.36
N VAL A 286 0.77 4.20 7.25
CA VAL A 286 0.61 3.97 8.70
C VAL A 286 1.20 5.12 9.49
N MET A 287 0.49 5.58 10.53
CA MET A 287 1.11 6.44 11.54
C MET A 287 1.44 5.61 12.80
N HIS A 288 2.72 5.31 12.96
CA HIS A 288 3.25 4.67 14.16
C HIS A 288 3.54 5.76 15.18
N ALA A 289 2.86 5.72 16.33
CA ALA A 289 3.18 6.58 17.46
C ALA A 289 4.67 6.61 17.82
N ALA A 290 5.34 5.46 17.73
CA ALA A 290 6.77 5.38 18.02
C ALA A 290 7.65 6.19 17.05
N GLU A 291 7.07 6.64 15.93
CA GLU A 291 7.78 7.42 14.92
C GLU A 291 7.36 8.91 14.82
N ALA A 292 6.64 9.41 15.83
CA ALA A 292 6.03 10.73 15.76
C ALA A 292 6.91 11.91 16.21
N ALA A 293 8.19 11.67 16.52
CA ALA A 293 9.03 12.71 17.11
C ALA A 293 9.26 13.93 16.21
N GLY A 294 9.53 13.73 14.93
CA GLY A 294 10.02 14.82 14.10
C GLY A 294 8.97 15.65 13.40
N ALA A 295 7.80 15.04 13.14
CA ALA A 295 6.78 15.66 12.29
C ALA A 295 5.37 15.60 12.85
N GLY A 296 5.22 15.20 14.11
CA GLY A 296 3.88 15.11 14.70
C GLY A 296 3.29 13.72 14.64
N SER A 297 2.14 13.58 15.28
CA SER A 297 1.49 12.28 15.48
C SER A 297 0.42 11.99 14.46
N TYR A 298 0.36 12.79 13.40
CA TYR A 298 -0.62 12.62 12.33
C TYR A 298 0.07 12.36 11.00
N ALA A 299 -0.32 11.27 10.33
CA ALA A 299 0.03 11.04 8.94
C ALA A 299 -1.18 11.46 8.12
N TYR A 300 -1.05 12.53 7.35
CA TYR A 300 -2.12 13.08 6.53
C TYR A 300 -1.52 13.40 5.16
N ASN A 301 -2.37 13.63 4.15
CA ASN A 301 -1.94 13.87 2.75
C ASN A 301 -1.03 12.74 2.26
N MET A 302 -1.59 11.52 2.25
CA MET A 302 -0.93 10.31 1.86
C MET A 302 -1.53 9.90 0.51
N GLN A 303 -0.68 9.72 -0.49
CA GLN A 303 -1.15 9.46 -1.84
C GLN A 303 -0.54 8.19 -2.44
N VAL A 304 -1.39 7.25 -2.86
CA VAL A 304 -0.96 6.04 -3.59
C VAL A 304 -1.71 6.04 -4.91
N GLU A 305 -1.03 6.34 -6.00
CA GLU A 305 -1.70 6.61 -7.27
C GLU A 305 -1.00 6.05 -8.49
N ASN A 306 -1.80 5.54 -9.41
CA ASN A 306 -1.34 5.19 -10.75
C ASN A 306 -0.23 4.13 -10.81
N ASN A 307 -0.28 3.19 -9.89
CA ASN A 307 0.65 2.08 -9.83
C ASN A 307 0.05 0.85 -10.48
N ILE A 308 0.93 -0.05 -10.83
CA ILE A 308 0.61 -1.30 -11.50
C ILE A 308 1.20 -2.37 -10.61
N ALA A 309 0.41 -3.36 -10.21
CA ALA A 309 0.94 -4.37 -9.30
C ALA A 309 0.39 -5.77 -9.54
N VAL A 310 1.27 -6.77 -9.41
CA VAL A 310 0.89 -8.18 -9.19
C VAL A 310 1.49 -8.57 -7.85
N ILE A 311 0.60 -8.84 -6.88
CA ILE A 311 0.99 -9.12 -5.48
C ILE A 311 0.30 -10.38 -5.02
N TYR A 312 0.67 -10.88 -3.84
CA TYR A 312 0.08 -12.11 -3.34
C TYR A 312 -0.74 -11.95 -2.07
N GLY A 313 -0.58 -10.80 -1.41
CA GLY A 313 -1.29 -10.47 -0.17
C GLY A 313 -2.13 -9.20 -0.35
N GLN A 314 -1.74 -8.10 0.30
CA GLN A 314 -2.56 -6.87 0.29
C GLN A 314 -1.91 -5.71 -0.41
N PHE A 315 -2.71 -4.95 -1.15
CA PHE A 315 -2.15 -3.85 -1.89
C PHE A 315 -1.78 -2.66 -1.01
N VAL A 316 -2.77 -2.08 -0.33
CA VAL A 316 -2.55 -0.96 0.59
C VAL A 316 -3.04 -1.39 1.96
N ILE A 317 -2.17 -1.25 2.95
CA ILE A 317 -2.47 -1.56 4.33
C ILE A 317 -2.46 -0.27 5.14
N LEU A 318 -3.61 0.03 5.75
CA LEU A 318 -3.76 1.23 6.60
C LEU A 318 -3.57 0.82 8.05
N GLY A 319 -3.01 1.74 8.81
CA GLY A 319 -2.82 1.54 10.24
C GLY A 319 -2.50 2.79 11.00
N SER A 320 -2.70 2.70 12.31
CA SER A 320 -2.22 3.69 13.23
C SER A 320 -2.21 3.01 14.60
N ASP A 321 -1.34 3.47 15.49
CA ASP A 321 -1.24 2.85 16.78
C ASP A 321 -0.77 3.87 17.83
N VAL A 322 -0.59 3.39 19.05
CA VAL A 322 -0.25 4.23 20.19
C VAL A 322 0.94 3.68 20.97
N THR A 323 1.57 4.56 21.73
CA THR A 323 2.57 4.12 22.71
C THR A 323 2.06 4.62 24.04
N ALA A 324 2.86 4.44 25.09
CA ALA A 324 2.47 4.91 26.42
C ALA A 324 2.01 6.36 26.42
N THR A 325 2.70 7.22 25.65
CA THR A 325 2.48 8.67 25.70
C THR A 325 2.08 9.37 24.39
N VAL A 326 1.99 8.65 23.29
CA VAL A 326 1.64 9.28 22.02
C VAL A 326 0.60 8.42 21.31
N SER A 327 -0.35 9.07 20.65
CA SER A 327 -1.35 8.38 19.85
C SER A 327 -1.20 8.78 18.39
N GLY A 328 -1.05 7.80 17.51
CA GLY A 328 -0.92 8.03 16.07
C GLY A 328 -2.28 8.12 15.42
N HIS A 329 -2.38 8.98 14.42
CA HIS A 329 -3.62 9.16 13.69
C HIS A 329 -3.29 9.14 12.19
N LEU A 330 -4.14 8.49 11.39
CA LEU A 330 -4.03 8.47 9.93
C LEU A 330 -5.29 9.05 9.33
N ASN A 331 -5.14 10.07 8.49
CA ASN A 331 -6.28 10.69 7.82
C ASN A 331 -5.88 11.40 6.55
N ASP A 332 -6.86 11.65 5.69
CA ASP A 332 -6.63 12.38 4.44
C ASP A 332 -5.68 11.60 3.52
N VAL A 333 -6.19 10.47 3.07
CA VAL A 333 -5.47 9.53 2.26
C VAL A 333 -6.23 9.41 0.95
N ILE A 334 -5.53 9.30 -0.17
CA ILE A 334 -6.17 8.99 -1.44
C ILE A 334 -5.45 7.81 -2.10
N VAL A 335 -6.23 6.83 -2.54
CA VAL A 335 -5.74 5.69 -3.30
C VAL A 335 -6.52 5.66 -4.62
N SER A 336 -5.86 5.98 -5.74
CA SER A 336 -6.57 6.20 -6.99
C SER A 336 -5.76 5.76 -8.20
N GLY A 337 -6.46 5.23 -9.20
CA GLY A 337 -5.84 4.96 -10.50
C GLY A 337 -4.94 3.75 -10.56
N ASN A 338 -4.91 2.93 -9.51
CA ASN A 338 -4.07 1.73 -9.46
C ASN A 338 -4.74 0.54 -10.12
N ILE A 339 -3.93 -0.28 -10.78
CA ILE A 339 -4.42 -1.52 -11.39
C ILE A 339 -3.63 -2.66 -10.74
N VAL A 340 -4.34 -3.51 -10.01
CA VAL A 340 -3.74 -4.47 -9.10
C VAL A 340 -4.40 -5.83 -9.29
N SER A 341 -3.58 -6.88 -9.29
CA SER A 341 -4.10 -8.22 -9.25
C SER A 341 -3.38 -9.04 -8.20
N ILE A 342 -4.07 -10.04 -7.68
CA ILE A 342 -3.45 -11.12 -6.93
C ILE A 342 -2.95 -12.11 -7.99
N GLY A 343 -1.65 -12.42 -7.93
CA GLY A 343 -1.06 -13.40 -8.85
C GLY A 343 -1.61 -14.80 -8.63
N GLU A 344 -1.38 -15.65 -9.62
CA GLU A 344 -1.87 -17.01 -9.58
C GLU A 344 -1.27 -17.69 -8.36
N ARG A 345 -2.15 -18.20 -7.52
CA ARG A 345 -1.77 -18.94 -6.33
C ARG A 345 -2.96 -19.74 -5.79
N ALA A 346 -2.65 -20.75 -4.97
CA ALA A 346 -3.71 -21.48 -4.28
C ALA A 346 -4.37 -20.63 -3.19
N ALA A 347 -5.64 -20.89 -2.93
CA ALA A 347 -6.32 -20.23 -1.83
C ALA A 347 -5.57 -20.51 -0.53
N PHE A 348 -5.44 -19.46 0.27
CA PHE A 348 -4.83 -19.48 1.61
C PHE A 348 -3.34 -19.79 1.63
N SER A 349 -2.69 -19.71 0.47
CA SER A 349 -1.25 -20.04 0.36
C SER A 349 -0.30 -18.85 0.59
N ALA A 350 -0.88 -17.67 0.77
CA ALA A 350 -0.12 -16.47 1.12
C ALA A 350 -1.05 -15.65 1.99
N PRO A 351 -0.57 -14.54 2.56
CA PRO A 351 -1.48 -13.69 3.33
C PRO A 351 -2.75 -13.23 2.58
N PHE A 352 -3.83 -13.03 3.33
CA PHE A 352 -5.18 -12.93 2.79
C PHE A 352 -5.19 -11.81 1.75
N GLY A 353 -5.64 -12.14 0.54
CA GLY A 353 -5.65 -11.20 -0.58
C GLY A 353 -6.60 -10.02 -0.36
N ALA A 354 -6.11 -8.81 -0.60
CA ALA A 354 -6.96 -7.62 -0.41
C ALA A 354 -6.45 -6.42 -1.19
N PHE A 355 -7.38 -5.58 -1.63
CA PHE A 355 -6.99 -4.28 -2.19
C PHE A 355 -6.65 -3.31 -1.05
N ILE A 356 -7.57 -3.16 -0.08
CA ILE A 356 -7.32 -2.37 1.12
C ILE A 356 -7.39 -3.32 2.33
N ASP A 357 -6.43 -3.21 3.25
CA ASP A 357 -6.49 -3.93 4.54
C ASP A 357 -6.44 -2.88 5.63
N ILE A 358 -7.38 -2.98 6.55
CA ILE A 358 -7.36 -2.21 7.80
C ILE A 358 -6.76 -3.15 8.81
N GLY A 359 -5.45 -3.01 9.00
CA GLY A 359 -4.68 -3.98 9.75
C GLY A 359 -4.57 -3.63 11.23
N PRO A 360 -4.54 -4.64 12.10
CA PRO A 360 -4.23 -4.44 13.52
C PRO A 360 -2.78 -3.98 13.69
N ASP A 361 -2.40 -3.55 14.89
CA ASP A 361 -1.04 -3.06 15.14
C ASP A 361 -0.07 -4.24 15.22
N ASN A 362 1.22 -3.95 15.43
CA ASN A 362 2.24 -5.01 15.42
C ASN A 362 2.02 -6.09 16.47
N SER A 363 1.41 -5.72 17.60
CA SER A 363 1.07 -6.66 18.66
C SER A 363 -0.30 -7.33 18.45
N GLY A 364 -0.98 -6.98 17.37
CA GLY A 364 -2.26 -7.59 17.04
C GLY A 364 -3.47 -6.90 17.63
N ALA A 365 -3.30 -5.73 18.22
CA ALA A 365 -4.41 -4.96 18.79
C ALA A 365 -5.25 -4.32 17.69
N SER A 366 -6.58 -4.43 17.81
CA SER A 366 -7.47 -3.86 16.80
C SER A 366 -8.34 -2.75 17.34
N ASN A 367 -8.02 -2.27 18.54
CA ASN A 367 -8.81 -1.25 19.19
C ASN A 367 -8.00 0.00 19.51
N VAL A 368 -6.95 0.26 18.74
CA VAL A 368 -6.08 1.43 18.97
C VAL A 368 -6.08 2.42 17.79
N GLN A 369 -6.65 1.99 16.67
CA GLN A 369 -6.53 2.71 15.41
C GLN A 369 -7.42 3.95 15.31
N ASP A 370 -6.89 5.01 14.69
CA ASP A 370 -7.69 6.19 14.34
C ASP A 370 -7.43 6.56 12.87
N ILE A 371 -8.17 5.87 12.00
CA ILE A 371 -8.04 5.95 10.55
C ILE A 371 -9.33 6.53 10.00
N GLN A 372 -9.24 7.63 9.25
CA GLN A 372 -10.44 8.27 8.69
C GLN A 372 -10.11 9.14 7.50
N ARG A 373 -11.16 9.61 6.83
CA ARG A 373 -11.00 10.49 5.65
C ARG A 373 -10.04 9.87 4.63
N VAL A 374 -10.38 8.66 4.22
CA VAL A 374 -9.67 7.93 3.19
C VAL A 374 -10.59 7.83 1.96
N LEU A 375 -10.05 8.16 0.79
CA LEU A 375 -10.79 8.03 -0.46
C LEU A 375 -10.09 7.02 -1.35
N VAL A 376 -10.83 5.96 -1.71
CA VAL A 376 -10.38 4.91 -2.62
C VAL A 376 -11.23 5.01 -3.86
N THR A 377 -10.65 5.47 -4.96
CA THR A 377 -11.43 5.80 -6.14
C THR A 377 -10.72 5.48 -7.45
N GLY A 378 -11.47 4.92 -8.41
CA GLY A 378 -10.95 4.74 -9.75
C GLY A 378 -9.81 3.74 -9.86
N ASN A 379 -9.87 2.68 -9.04
CA ASN A 379 -8.91 1.58 -9.08
C ASN A 379 -9.57 0.35 -9.67
N SER A 380 -8.75 -0.55 -10.18
CA SER A 380 -9.22 -1.89 -10.59
C SER A 380 -8.45 -2.95 -9.84
N PHE A 381 -9.17 -3.96 -9.38
CA PHE A 381 -8.60 -5.07 -8.62
C PHE A 381 -9.15 -6.37 -9.17
N TYR A 382 -8.29 -7.35 -9.34
CA TYR A 382 -8.70 -8.65 -9.84
C TYR A 382 -7.98 -9.73 -9.03
N ALA A 383 -8.70 -10.79 -8.67
CA ALA A 383 -8.11 -12.01 -8.16
C ALA A 383 -8.71 -13.20 -8.89
N PRO A 384 -7.86 -14.16 -9.30
CA PRO A 384 -8.38 -15.37 -9.93
C PRO A 384 -9.47 -16.09 -9.14
N ALA A 385 -10.36 -16.77 -9.87
CA ALA A 385 -11.57 -17.37 -9.32
C ALA A 385 -11.36 -18.35 -8.16
N ASN A 386 -10.21 -19.01 -8.10
CA ASN A 386 -9.96 -19.99 -7.04
C ASN A 386 -9.53 -19.38 -5.71
N ILE A 387 -9.17 -18.09 -5.72
CA ILE A 387 -8.59 -17.48 -4.53
C ILE A 387 -9.70 -17.01 -3.61
N THR A 388 -10.11 -17.91 -2.73
CA THR A 388 -11.16 -17.67 -1.75
C THR A 388 -10.84 -16.46 -0.90
N ASP A 389 -9.57 -16.37 -0.53
CA ASP A 389 -9.09 -15.31 0.32
C ASP A 389 -8.71 -14.10 -0.53
N SER A 390 -9.73 -13.43 -1.04
CA SER A 390 -9.54 -12.18 -1.79
C SER A 390 -10.71 -11.24 -1.52
N ALA A 391 -10.41 -9.99 -1.15
CA ALA A 391 -11.43 -9.03 -0.76
C ALA A 391 -11.06 -7.65 -1.23
N ALA A 392 -12.07 -6.85 -1.61
CA ALA A 392 -11.83 -5.45 -1.85
C ALA A 392 -11.27 -4.76 -0.61
N ILE A 393 -11.87 -5.05 0.54
CA ILE A 393 -11.37 -4.59 1.84
C ILE A 393 -11.51 -5.68 2.86
N THR A 394 -10.38 -6.00 3.50
CA THR A 394 -10.38 -6.78 4.73
C THR A 394 -10.34 -5.78 5.88
N LEU A 395 -11.42 -5.72 6.64
CA LEU A 395 -11.62 -4.66 7.64
C LEU A 395 -11.46 -5.33 9.00
N ARG A 396 -10.22 -5.32 9.49
CA ARG A 396 -9.83 -6.18 10.60
C ARG A 396 -9.55 -5.44 11.90
N ALA A 397 -9.65 -4.11 11.87
CA ALA A 397 -9.41 -3.28 13.04
C ALA A 397 -10.31 -2.08 12.97
N ASN A 398 -10.44 -1.38 14.09
CA ASN A 398 -11.35 -0.24 14.16
C ASN A 398 -11.11 0.72 13.02
N LEU A 399 -12.20 1.20 12.43
CA LEU A 399 -12.14 2.12 11.31
C LEU A 399 -13.05 3.30 11.56
N ASN A 400 -12.50 4.51 11.46
CA ASN A 400 -13.29 5.71 11.66
C ASN A 400 -13.76 6.37 10.37
N GLY A 401 -13.31 5.85 9.22
CA GLY A 401 -13.90 6.20 7.94
C GLY A 401 -13.07 5.79 6.74
N CYS A 402 -13.77 5.34 5.69
CA CYS A 402 -13.14 5.04 4.41
C CYS A 402 -14.22 5.08 3.35
N THR A 403 -13.93 5.74 2.24
CA THR A 403 -14.90 6.01 1.18
C THR A 403 -14.44 5.36 -0.11
N PHE A 404 -15.30 4.52 -0.66
CA PHE A 404 -15.07 3.85 -1.94
C PHE A 404 -16.01 4.41 -3.00
N ILE A 405 -15.44 4.97 -4.05
CA ILE A 405 -16.25 5.48 -5.18
C ILE A 405 -15.64 5.03 -6.50
N ALA A 406 -16.47 4.54 -7.41
CA ALA A 406 -16.06 4.30 -8.81
C ALA A 406 -14.80 3.41 -8.96
N ASN A 407 -14.77 2.29 -8.22
CA ASN A 407 -13.76 1.25 -8.39
C ASN A 407 -14.37 0.08 -9.12
N ASN A 408 -13.52 -0.80 -9.62
CA ASN A 408 -13.94 -2.07 -10.20
C ASN A 408 -13.25 -3.16 -9.42
N PHE A 409 -14.01 -3.91 -8.63
CA PHE A 409 -13.46 -4.94 -7.75
C PHE A 409 -13.96 -6.29 -8.22
N ASP A 410 -13.04 -7.15 -8.65
CA ASP A 410 -13.38 -8.45 -9.18
C ASP A 410 -12.64 -9.53 -8.40
N CYS A 411 -13.24 -9.91 -7.28
CA CYS A 411 -12.62 -10.86 -6.32
C CYS A 411 -13.69 -11.57 -5.50
N ARG A 412 -13.29 -12.37 -4.50
CA ARG A 412 -14.28 -13.21 -3.82
C ARG A 412 -15.27 -12.42 -2.96
N TYR A 413 -14.71 -11.56 -2.10
CA TYR A 413 -15.48 -10.73 -1.20
C TYR A 413 -15.34 -9.25 -1.57
N MET A 414 -16.40 -8.48 -1.26
CA MET A 414 -16.27 -7.03 -1.28
C MET A 414 -15.76 -6.54 0.09
N VAL A 415 -16.57 -6.62 1.11
CA VAL A 415 -16.16 -6.32 2.48
C VAL A 415 -16.05 -7.65 3.25
N TYR A 416 -14.93 -7.87 3.93
CA TYR A 416 -14.72 -9.08 4.72
C TYR A 416 -13.99 -8.82 6.04
N ASN A 417 -14.39 -9.58 7.05
CA ASN A 417 -13.59 -9.80 8.23
C ASN A 417 -13.90 -11.20 8.71
N ALA A 418 -12.92 -11.91 9.24
CA ALA A 418 -13.14 -13.31 9.62
C ALA A 418 -14.03 -13.36 10.85
N PRO A 419 -15.03 -14.26 10.84
CA PRO A 419 -15.85 -14.43 12.04
C PRO A 419 -14.99 -15.01 13.13
N GLY A 420 -15.32 -14.66 14.37
CA GLY A 420 -14.62 -15.20 15.52
C GLY A 420 -13.15 -14.82 15.61
N THR A 421 -12.79 -13.69 14.98
CA THR A 421 -11.45 -13.12 15.18
C THR A 421 -11.63 -11.78 15.90
N THR A 422 -11.35 -10.67 15.23
CA THR A 422 -11.51 -9.34 15.82
C THR A 422 -12.95 -8.90 15.64
N SER A 423 -13.36 -7.91 16.43
CA SER A 423 -14.68 -7.35 16.28
C SER A 423 -14.52 -5.86 16.15
N PRO A 424 -14.19 -5.40 14.93
CA PRO A 424 -13.97 -3.99 14.73
C PRO A 424 -15.20 -3.13 14.96
N VAL A 425 -14.95 -1.93 15.50
CA VAL A 425 -15.93 -0.86 15.56
C VAL A 425 -15.80 -0.02 14.28
N VAL A 426 -16.86 0.04 13.50
CA VAL A 426 -16.80 0.65 12.15
C VAL A 426 -17.66 1.89 12.10
N GLN A 427 -17.08 3.00 11.64
CA GLN A 427 -17.81 4.26 11.42
C GLN A 427 -17.47 4.79 10.04
N ASN A 428 -18.47 5.35 9.36
CA ASN A 428 -18.26 6.08 8.12
C ASN A 428 -17.59 5.26 7.02
N LEU A 429 -18.02 4.00 6.93
CA LEU A 429 -17.66 3.18 5.78
C LEU A 429 -18.67 3.48 4.68
N VAL A 430 -18.17 3.94 3.52
CA VAL A 430 -19.03 4.41 2.43
C VAL A 430 -18.65 3.59 1.21
N TRP A 431 -19.60 2.80 0.74
CA TRP A 431 -19.46 2.02 -0.48
C TRP A 431 -20.52 2.50 -1.48
N ASP A 432 -20.11 3.39 -2.36
CA ASP A 432 -20.99 4.01 -3.30
C ASP A 432 -21.49 3.01 -4.35
N LYS A 433 -22.68 3.26 -4.89
CA LYS A 433 -23.25 2.39 -5.91
C LYS A 433 -22.43 2.35 -7.22
N SER A 434 -21.52 3.30 -7.41
CA SER A 434 -20.66 3.36 -8.60
C SER A 434 -19.52 2.37 -8.57
N ASN A 435 -19.33 1.65 -7.46
CA ASN A 435 -18.39 0.53 -7.43
C ASN A 435 -18.96 -0.67 -8.14
N VAL A 436 -18.25 -1.09 -9.20
CA VAL A 436 -18.63 -2.24 -9.99
C VAL A 436 -18.02 -3.52 -9.44
N ILE A 437 -18.90 -4.47 -9.22
CA ILE A 437 -18.59 -5.79 -8.67
C ILE A 437 -18.46 -6.78 -9.82
N GLY A 438 -17.25 -7.28 -10.04
CA GLY A 438 -17.01 -8.18 -11.15
C GLY A 438 -17.53 -9.57 -10.91
N GLY A 439 -17.50 -10.37 -11.98
CA GLY A 439 -18.11 -11.69 -11.97
C GLY A 439 -17.17 -12.88 -12.04
N THR A 440 -15.86 -12.65 -11.89
CA THR A 440 -14.90 -13.77 -11.95
C THR A 440 -15.21 -14.88 -10.97
N HIS A 441 -15.71 -14.53 -9.78
CA HIS A 441 -15.95 -15.51 -8.70
C HIS A 441 -17.40 -16.01 -8.67
N ALA A 442 -18.20 -15.65 -9.67
CA ALA A 442 -19.55 -16.19 -9.73
C ALA A 442 -19.48 -17.75 -9.67
N ASN A 443 -20.41 -18.32 -8.92
CA ASN A 443 -20.55 -19.76 -8.74
C ASN A 443 -19.56 -20.38 -7.80
N GLN A 444 -18.68 -19.55 -7.22
CA GLN A 444 -17.69 -20.03 -6.26
C GLN A 444 -18.06 -19.77 -4.80
N ARG A 445 -19.19 -19.09 -4.57
CA ARG A 445 -19.48 -18.51 -3.27
C ARG A 445 -20.42 -19.28 -2.36
N ALA A 446 -20.52 -20.60 -2.55
CA ALA A 446 -21.34 -21.40 -1.65
C ALA A 446 -20.96 -21.14 -0.21
N GLY A 447 -21.97 -20.87 0.60
CA GLY A 447 -21.78 -20.64 2.01
C GLY A 447 -21.20 -19.30 2.39
N GLN A 448 -21.05 -18.39 1.42
CA GLN A 448 -20.34 -17.13 1.63
C GLN A 448 -21.26 -15.92 1.40
N ASN A 449 -20.95 -14.85 2.12
CA ASN A 449 -21.66 -13.60 1.96
C ASN A 449 -20.75 -12.62 1.23
N LEU A 450 -21.25 -11.96 0.17
CA LEU A 450 -20.41 -11.08 -0.63
C LEU A 450 -19.84 -9.92 0.22
N PHE A 451 -20.70 -9.34 1.05
CA PHE A 451 -20.32 -8.36 2.07
C PHE A 451 -20.57 -9.05 3.39
N ASP A 452 -19.49 -9.46 4.07
CA ASP A 452 -19.59 -10.26 5.28
C ASP A 452 -19.25 -9.36 6.46
N MET A 453 -20.29 -8.82 7.10
CA MET A 453 -20.13 -7.69 8.00
C MET A 453 -19.83 -8.14 9.45
N GLN A 454 -18.68 -8.74 9.63
CA GLN A 454 -18.31 -9.41 10.88
C GLN A 454 -17.65 -8.42 11.82
N PHE A 455 -18.48 -7.54 12.34
CA PHE A 455 -18.02 -6.38 13.12
C PHE A 455 -18.76 -6.30 14.44
N ALA A 456 -18.19 -5.55 15.38
CA ALA A 456 -18.89 -5.24 16.62
C ALA A 456 -20.08 -4.31 16.39
N SER A 457 -19.91 -3.36 15.47
CA SER A 457 -20.90 -2.34 15.23
C SER A 457 -20.53 -1.59 13.98
N VAL A 458 -21.57 -1.07 13.31
CA VAL A 458 -21.49 -0.27 12.08
C VAL A 458 -22.41 0.94 12.25
N VAL A 459 -21.85 2.13 12.12
CA VAL A 459 -22.61 3.37 12.23
C VAL A 459 -22.19 4.34 11.15
N ASN A 460 -23.14 5.15 10.68
CA ASN A 460 -22.87 6.21 9.70
C ASN A 460 -22.23 5.67 8.43
N SER A 461 -22.68 4.47 8.06
CA SER A 461 -22.12 3.77 6.92
C SER A 461 -23.15 3.61 5.79
N THR A 462 -22.62 3.46 4.58
CA THR A 462 -23.42 3.29 3.37
C THR A 462 -22.90 2.08 2.63
N ILE A 463 -23.75 1.11 2.34
CA ILE A 463 -23.38 0.04 1.41
C ILE A 463 -24.44 -0.04 0.36
N GLU A 464 -24.10 0.39 -0.86
CA GLU A 464 -25.01 0.27 -1.99
C GLU A 464 -24.53 -0.82 -2.93
N VAL A 465 -25.14 -1.99 -2.79
CA VAL A 465 -24.75 -3.19 -3.56
C VAL A 465 -25.39 -3.16 -4.92
N GLN A 466 -24.57 -3.27 -5.95
CA GLN A 466 -25.03 -3.39 -7.32
C GLN A 466 -24.29 -4.55 -7.99
N LEU A 467 -24.99 -5.63 -8.30
CA LEU A 467 -24.39 -6.71 -9.04
C LEU A 467 -24.35 -6.31 -10.52
N SER A 468 -23.46 -6.94 -11.27
CA SER A 468 -23.45 -6.83 -12.74
C SER A 468 -23.57 -8.17 -13.47
N CYS A 469 -23.80 -9.23 -12.72
CA CYS A 469 -24.11 -10.53 -13.29
C CYS A 469 -24.61 -11.41 -12.14
N GLU A 470 -25.13 -12.58 -12.48
CA GLU A 470 -25.76 -13.40 -11.46
C GLU A 470 -24.72 -14.26 -10.75
N ASP A 471 -24.87 -14.40 -9.46
CA ASP A 471 -24.14 -15.42 -8.71
C ASP A 471 -25.08 -16.00 -7.67
N LEU A 472 -25.76 -17.08 -8.07
CA LEU A 472 -26.71 -17.72 -7.21
C LEU A 472 -26.06 -18.67 -6.21
N SER A 473 -24.74 -18.82 -6.27
CA SER A 473 -24.04 -19.66 -5.28
C SER A 473 -23.92 -18.99 -3.92
N MET A 474 -23.85 -17.67 -3.89
CA MET A 474 -23.62 -16.97 -2.62
C MET A 474 -24.80 -17.13 -1.68
N PHE A 475 -24.51 -17.16 -0.37
CA PHE A 475 -25.57 -17.27 0.60
C PHE A 475 -26.39 -15.98 0.62
N SER A 476 -25.71 -14.84 0.61
CA SER A 476 -26.36 -13.53 0.58
C SER A 476 -25.44 -12.52 -0.05
N CYS A 477 -26.01 -11.39 -0.49
CA CYS A 477 -25.23 -10.23 -0.91
C CYS A 477 -24.56 -9.56 0.28
N ILE A 478 -25.28 -9.43 1.38
CA ILE A 478 -24.76 -8.78 2.57
C ILE A 478 -25.39 -9.37 3.80
N LEU A 479 -24.58 -9.68 4.80
CA LEU A 479 -25.05 -10.30 6.02
C LEU A 479 -24.46 -9.60 7.22
N PHE A 480 -25.32 -9.28 8.18
CA PHE A 480 -24.95 -8.79 9.48
C PHE A 480 -25.28 -9.84 10.52
N PRO A 481 -24.28 -10.36 11.23
CA PRO A 481 -24.57 -11.27 12.33
C PRO A 481 -25.26 -10.54 13.47
N ALA A 482 -25.94 -11.27 14.36
CA ALA A 482 -26.70 -10.63 15.44
C ALA A 482 -25.81 -9.85 16.40
N SER A 483 -24.54 -10.20 16.45
CA SER A 483 -23.55 -9.51 17.29
C SER A 483 -23.14 -8.13 16.79
N CYS A 484 -23.51 -7.78 15.56
CA CYS A 484 -23.15 -6.51 15.00
C CYS A 484 -24.31 -5.54 15.12
N GLN A 485 -24.10 -4.49 15.91
CA GLN A 485 -25.06 -3.42 15.96
C GLN A 485 -24.98 -2.64 14.65
N LEU A 486 -26.11 -2.14 14.22
CA LEU A 486 -26.19 -1.36 13.01
C LEU A 486 -27.11 -0.16 13.28
N SER A 487 -26.62 1.05 13.04
CA SER A 487 -27.43 2.25 13.27
C SER A 487 -27.00 3.39 12.34
N TYR A 488 -27.93 4.31 12.11
CA TYR A 488 -27.64 5.49 11.28
C TYR A 488 -26.86 5.12 10.02
N SER A 489 -27.41 4.19 9.25
CA SER A 489 -26.76 3.62 8.08
C SER A 489 -27.76 3.37 6.98
N LYS A 490 -27.25 3.26 5.74
CA LYS A 490 -28.02 3.02 4.55
C LYS A 490 -27.46 1.76 3.91
N ILE A 491 -28.29 0.73 3.75
CA ILE A 491 -27.90 -0.52 3.13
C ILE A 491 -28.91 -0.83 2.05
N THR A 492 -28.47 -0.85 0.80
CA THR A 492 -29.36 -1.19 -0.31
C THR A 492 -28.78 -2.27 -1.18
N VAL A 493 -29.68 -3.09 -1.70
CA VAL A 493 -29.34 -4.12 -2.70
C VAL A 493 -30.20 -3.86 -3.95
N ASP A 494 -29.57 -3.48 -5.05
CA ASP A 494 -30.25 -3.28 -6.33
C ASP A 494 -30.82 -4.61 -6.80
N SER A 495 -31.99 -4.60 -7.43
CA SER A 495 -32.62 -5.86 -7.80
C SER A 495 -31.99 -6.57 -8.99
N ALA A 496 -31.19 -5.88 -9.80
CA ALA A 496 -30.70 -6.50 -11.03
C ALA A 496 -29.84 -7.76 -10.70
N TRP A 497 -30.11 -8.84 -11.44
CA TRP A 497 -29.51 -10.16 -11.28
C TRP A 497 -29.82 -10.85 -9.94
N THR A 498 -30.81 -10.34 -9.19
CA THR A 498 -31.16 -10.96 -7.89
C THR A 498 -32.48 -11.75 -7.85
N LYS A 499 -33.21 -11.85 -8.98
CA LYS A 499 -34.56 -12.41 -8.91
C LYS A 499 -34.63 -13.81 -8.31
N SER A 500 -33.58 -14.59 -8.53
CA SER A 500 -33.59 -15.99 -8.12
C SER A 500 -32.85 -16.24 -6.80
N MET A 501 -32.42 -15.19 -6.13
CA MET A 501 -31.73 -15.31 -4.84
C MET A 501 -32.71 -15.47 -3.68
N SER A 502 -32.49 -16.53 -2.90
CA SER A 502 -33.31 -16.77 -1.72
C SER A 502 -33.08 -15.71 -0.64
N ASN A 503 -31.82 -15.30 -0.53
CA ASN A 503 -31.42 -14.25 0.42
C ASN A 503 -30.67 -13.18 -0.33
N THR A 504 -31.02 -11.94 -0.07
CA THR A 504 -30.30 -10.82 -0.65
C THR A 504 -29.56 -10.09 0.45
N ALA A 505 -30.28 -9.43 1.34
CA ALA A 505 -29.71 -8.84 2.54
C ALA A 505 -30.23 -9.59 3.74
N VAL A 506 -29.32 -9.95 4.66
CA VAL A 506 -29.63 -10.70 5.85
C VAL A 506 -29.18 -9.96 7.11
N PHE A 507 -30.14 -9.74 8.00
CA PHE A 507 -29.95 -9.08 9.28
C PHE A 507 -30.28 -10.10 10.36
N GLU A 508 -29.26 -10.80 10.84
CA GLU A 508 -29.51 -11.91 11.77
C GLU A 508 -30.04 -11.49 13.14
N GLY A 509 -29.89 -10.20 13.48
CA GLY A 509 -30.46 -9.65 14.69
C GLY A 509 -31.62 -8.68 14.43
N ASN A 510 -32.18 -8.74 13.21
CA ASN A 510 -33.27 -7.88 12.83
C ASN A 510 -32.89 -6.42 12.92
N GLN A 511 -31.64 -6.11 12.60
CA GLN A 511 -31.10 -4.76 12.81
C GLN A 511 -31.69 -3.74 11.84
N GLN A 512 -32.29 -4.22 10.78
CA GLN A 512 -32.84 -3.31 9.79
C GLN A 512 -34.05 -2.54 10.34
N ALA A 513 -34.58 -2.95 11.50
CA ALA A 513 -35.70 -2.29 12.13
C ALA A 513 -35.31 -1.03 12.91
N GLY A 514 -34.00 -0.75 12.99
CA GLY A 514 -33.57 0.41 13.77
C GLY A 514 -34.16 1.70 13.24
N ALA A 515 -34.39 2.65 14.14
CA ALA A 515 -35.08 3.90 13.83
C ALA A 515 -34.41 4.69 12.72
N ASN A 516 -33.08 4.63 12.66
CA ASN A 516 -32.29 5.37 11.68
C ASN A 516 -31.49 4.50 10.73
N VAL A 517 -32.09 3.36 10.44
CA VAL A 517 -31.59 2.47 9.42
C VAL A 517 -32.49 2.59 8.20
N TYR A 518 -31.81 2.81 7.07
CA TYR A 518 -32.42 3.07 5.79
C TYR A 518 -32.02 1.93 4.88
N VAL A 519 -32.99 1.13 4.45
CA VAL A 519 -32.65 -0.11 3.77
C VAL A 519 -33.62 -0.42 2.65
N SER A 520 -33.12 -1.04 1.59
CA SER A 520 -34.00 -1.66 0.62
C SER A 520 -33.37 -2.90 0.05
N TYR A 521 -34.17 -3.95 -0.14
CA TYR A 521 -33.69 -5.17 -0.76
C TYR A 521 -34.84 -6.06 -1.22
N PRO A 522 -34.57 -6.90 -2.25
CA PRO A 522 -35.63 -7.81 -2.70
C PRO A 522 -35.93 -9.02 -1.82
N ALA A 523 -37.18 -9.45 -1.84
CA ALA A 523 -37.63 -10.59 -1.10
C ALA A 523 -38.83 -11.19 -1.76
N THR A 524 -39.04 -12.48 -1.54
CA THR A 524 -40.24 -13.14 -2.00
C THR A 524 -41.26 -13.18 -0.88
N VAL A 525 -42.51 -12.85 -1.21
CA VAL A 525 -43.57 -12.70 -0.23
C VAL A 525 -44.84 -13.40 -0.71
N ASN A 526 -45.45 -14.19 0.16
CA ASN A 526 -46.73 -14.83 -0.09
C ASN A 526 -47.86 -13.92 0.41
N LEU A 527 -48.83 -13.66 -0.44
CA LEU A 527 -49.98 -12.86 -0.07
C LEU A 527 -51.29 -13.60 -0.32
N THR A 528 -52.31 -13.19 0.40
CA THR A 528 -53.68 -13.66 0.23
C THR A 528 -54.62 -12.46 0.28
N SER A 529 -55.61 -12.45 -0.59
CA SER A 529 -56.63 -11.39 -0.60
C SER A 529 -57.90 -11.79 0.11
N TYR A 530 -58.72 -10.79 0.41
CA TYR A 530 -60.10 -10.99 0.69
C TYR A 530 -60.89 -11.39 -0.56
N ASN A 531 -62.13 -11.82 -0.35
CA ASN A 531 -63.01 -12.33 -1.41
C ASN A 531 -63.61 -11.26 -2.32
N THR A 532 -63.69 -10.03 -1.81
CA THR A 532 -64.47 -8.97 -2.40
C THR A 532 -64.17 -8.74 -3.89
N GLN A 533 -65.22 -8.66 -4.70
CA GLN A 533 -65.10 -8.12 -6.06
C GLN A 533 -64.76 -6.64 -6.02
N GLY A 534 -63.91 -6.22 -6.95
CA GLY A 534 -63.50 -4.83 -7.05
C GLY A 534 -62.21 -4.56 -6.32
N ALA A 535 -62.03 -3.32 -5.89
CA ALA A 535 -60.83 -2.99 -5.12
C ALA A 535 -60.79 -3.84 -3.85
N VAL A 536 -59.67 -4.52 -3.63
CA VAL A 536 -59.61 -5.60 -2.64
C VAL A 536 -58.22 -5.65 -2.02
N PRO A 537 -58.13 -5.80 -0.66
CA PRO A 537 -56.81 -5.86 -0.04
C PRO A 537 -56.13 -7.21 -0.16
N PHE A 538 -54.81 -7.16 -0.32
CA PHE A 538 -53.95 -8.35 -0.23
C PHE A 538 -53.05 -8.16 0.99
N PHE A 539 -52.83 -9.24 1.73
CA PHE A 539 -52.08 -9.22 2.98
C PHE A 539 -51.04 -10.33 2.94
N SER A 540 -49.86 -10.09 3.53
CA SER A 540 -48.84 -11.13 3.56
C SER A 540 -49.24 -12.17 4.58
N THR A 541 -48.87 -13.41 4.29
CA THR A 541 -49.11 -14.51 5.21
C THR A 541 -48.19 -14.41 6.42
N ASP A 542 -46.95 -14.03 6.17
CA ASP A 542 -45.98 -13.86 7.26
C ASP A 542 -46.09 -12.49 7.89
N THR A 543 -45.61 -12.39 9.12
CA THR A 543 -45.75 -11.17 9.91
C THR A 543 -44.39 -10.58 10.26
N ASN A 544 -43.46 -10.67 9.32
CA ASN A 544 -42.06 -10.29 9.49
C ASN A 544 -41.71 -8.91 8.94
N TYR A 545 -42.72 -8.05 8.76
CA TYR A 545 -42.54 -6.81 7.99
C TYR A 545 -42.96 -5.54 8.71
N ALA A 546 -42.89 -5.55 10.05
CA ALA A 546 -43.25 -4.38 10.85
C ALA A 546 -42.35 -3.17 10.59
N TRP A 547 -41.18 -3.42 10.02
CA TRP A 547 -40.13 -2.42 9.74
C TRP A 547 -40.23 -1.80 8.32
N VAL A 548 -41.10 -2.37 7.47
CA VAL A 548 -41.19 -1.96 6.07
C VAL A 548 -42.05 -0.72 5.94
N THR A 549 -41.53 0.31 5.28
CA THR A 549 -42.29 1.53 5.03
C THR A 549 -43.04 1.50 3.69
N SER A 550 -42.47 0.81 2.71
CA SER A 550 -43.19 0.54 1.46
C SER A 550 -42.56 -0.65 0.75
N ALA A 551 -43.31 -1.27 -0.14
CA ALA A 551 -42.77 -2.35 -0.98
C ALA A 551 -43.46 -2.24 -2.31
N TYR A 552 -42.79 -2.68 -3.39
CA TYR A 552 -43.42 -2.65 -4.69
C TYR A 552 -43.08 -3.91 -5.46
N SER A 553 -43.97 -4.26 -6.37
CA SER A 553 -43.84 -5.47 -7.20
C SER A 553 -42.64 -5.47 -8.13
N LEU A 554 -41.92 -6.61 -8.14
CA LEU A 554 -40.84 -6.90 -9.05
C LEU A 554 -41.23 -8.11 -9.95
N SER A 555 -42.51 -8.51 -9.91
CA SER A 555 -43.03 -9.68 -10.62
C SER A 555 -44.14 -9.31 -11.57
N ILE A 556 -44.27 -10.06 -12.66
CA ILE A 556 -45.43 -9.85 -13.52
C ILE A 556 -46.63 -10.57 -12.96
N ASN A 557 -47.80 -10.16 -13.43
CA ASN A 557 -49.06 -10.78 -13.04
C ASN A 557 -49.59 -11.61 -14.17
N GLU A 558 -49.52 -12.94 -14.01
CA GLU A 558 -49.94 -13.91 -15.03
C GLU A 558 -51.47 -14.06 -15.16
N ASN A 559 -52.21 -13.39 -14.28
CA ASN A 559 -53.65 -13.51 -14.19
C ASN A 559 -54.42 -12.49 -15.00
N LEU A 560 -55.62 -12.87 -15.46
CA LEU A 560 -56.54 -11.96 -16.15
C LEU A 560 -57.61 -11.42 -15.20
N ASP A 561 -58.10 -12.26 -14.30
CA ASP A 561 -59.31 -11.95 -13.50
C ASP A 561 -59.01 -11.08 -12.28
N PHE A 562 -57.74 -10.88 -11.98
CA PHE A 562 -57.38 -10.04 -10.84
C PHE A 562 -55.96 -9.54 -11.03
N SER A 563 -55.60 -8.58 -10.18
CA SER A 563 -54.23 -8.12 -10.09
C SER A 563 -53.91 -7.85 -8.63
N PRO A 564 -52.72 -8.28 -8.19
CA PRO A 564 -52.28 -7.91 -6.87
C PRO A 564 -51.90 -6.44 -6.84
N PRO A 565 -51.72 -5.87 -5.65
CA PRO A 565 -51.27 -4.50 -5.57
C PRO A 565 -49.92 -4.26 -6.22
N ALA A 566 -49.74 -3.11 -6.84
CA ALA A 566 -48.42 -2.73 -7.29
C ALA A 566 -47.53 -2.34 -6.11
N THR A 567 -48.12 -1.78 -5.05
CA THR A 567 -47.37 -1.24 -3.92
C THR A 567 -48.08 -1.59 -2.62
N TYR A 568 -47.28 -1.67 -1.55
CA TYR A 568 -47.74 -2.11 -0.27
C TYR A 568 -47.20 -1.22 0.82
N THR A 569 -47.94 -1.16 1.91
CA THR A 569 -47.40 -0.65 3.17
C THR A 569 -47.53 -1.73 4.21
N ASN A 570 -47.35 -1.41 5.48
CA ASN A 570 -47.48 -2.42 6.50
C ASN A 570 -48.59 -2.15 7.50
N LYS A 571 -48.69 -3.07 8.46
CA LYS A 571 -49.62 -2.98 9.56
C LYS A 571 -48.85 -3.27 10.83
N ALA A 572 -49.47 -2.92 11.95
CA ALA A 572 -48.84 -3.09 13.28
C ALA A 572 -48.42 -4.51 13.58
N ASN A 573 -49.12 -5.51 13.02
CA ASN A 573 -48.82 -6.91 13.33
C ASN A 573 -47.70 -7.49 12.49
N GLY A 574 -47.13 -6.67 11.63
CA GLY A 574 -46.02 -7.08 10.78
C GLY A 574 -46.40 -7.59 9.42
N GLN A 575 -47.70 -7.61 9.09
CA GLN A 575 -48.14 -7.90 7.73
C GLN A 575 -47.90 -6.74 6.80
N LEU A 576 -47.62 -7.06 5.54
CA LEU A 576 -47.78 -6.12 4.44
C LEU A 576 -49.23 -6.12 4.01
N VAL A 577 -49.66 -4.97 3.48
CA VAL A 577 -51.01 -4.79 2.95
C VAL A 577 -50.98 -3.85 1.77
N GLY A 578 -51.75 -4.17 0.74
CA GLY A 578 -51.93 -3.25 -0.39
C GLY A 578 -53.30 -3.47 -0.97
N VAL A 579 -53.71 -2.57 -1.86
CA VAL A 579 -55.01 -2.68 -2.53
C VAL A 579 -54.83 -3.07 -4.00
N GLY A 580 -55.32 -4.27 -4.33
CA GLY A 580 -55.35 -4.76 -5.71
C GLY A 580 -56.76 -4.72 -6.26
N TYR A 581 -57.00 -5.47 -7.32
CA TYR A 581 -58.29 -5.42 -7.97
C TYR A 581 -58.77 -6.81 -8.41
N ASN A 582 -59.96 -7.17 -7.95
CA ASN A 582 -60.65 -8.42 -8.38
C ASN A 582 -61.68 -8.08 -9.45
N GLU A 583 -61.42 -8.40 -10.72
CA GLU A 583 -62.41 -8.20 -11.75
C GLU A 583 -63.63 -9.06 -11.43
N ILE A 584 -63.33 -10.30 -11.01
CA ILE A 584 -64.30 -11.24 -10.48
C ILE A 584 -63.87 -11.49 -9.04
N GLY A 585 -64.85 -11.67 -8.16
CA GLY A 585 -64.55 -11.99 -6.79
C GLY A 585 -63.87 -13.33 -6.57
N GLY A 586 -63.31 -13.47 -5.40
CA GLY A 586 -62.65 -14.69 -4.96
C GLY A 586 -61.40 -14.41 -4.14
N VAL A 587 -61.14 -15.27 -3.14
CA VAL A 587 -59.92 -15.22 -2.40
C VAL A 587 -58.78 -15.57 -3.36
N ARG A 588 -57.75 -14.73 -3.38
CA ARG A 588 -56.57 -14.94 -4.21
C ARG A 588 -55.36 -15.25 -3.34
N SER A 589 -54.44 -16.04 -3.88
CA SER A 589 -53.19 -16.36 -3.26
C SER A 589 -52.08 -16.29 -4.29
N VAL A 590 -51.07 -15.47 -4.02
CA VAL A 590 -49.95 -15.31 -4.93
C VAL A 590 -48.62 -15.22 -4.16
N SER A 591 -47.55 -15.57 -4.87
CA SER A 591 -46.19 -15.43 -4.41
C SER A 591 -45.54 -14.42 -5.33
N VAL A 592 -45.06 -13.31 -4.76
CA VAL A 592 -44.58 -12.17 -5.53
C VAL A 592 -43.17 -11.80 -5.06
N ARG A 593 -42.35 -11.36 -6.00
CA ARG A 593 -41.05 -10.80 -5.66
C ARG A 593 -41.29 -9.32 -5.45
N LEU A 594 -40.94 -8.83 -4.27
CA LEU A 594 -41.11 -7.41 -3.92
C LEU A 594 -39.78 -6.77 -3.63
N MET A 595 -39.69 -5.48 -3.86
CA MET A 595 -38.62 -4.65 -3.31
C MET A 595 -39.11 -4.12 -1.99
N LEU A 596 -38.49 -4.57 -0.90
CA LEU A 596 -38.84 -4.07 0.43
C LEU A 596 -38.05 -2.84 0.71
N GLN A 597 -38.73 -1.81 1.19
CA GLN A 597 -38.08 -0.54 1.50
C GLN A 597 -38.37 -0.06 2.89
N ARG A 598 -37.34 0.46 3.53
CA ARG A 598 -37.47 1.11 4.83
C ARG A 598 -36.84 2.49 4.77
N GLN A 599 -37.69 3.53 4.77
CA GLN A 599 -37.30 4.94 4.90
C GLN A 599 -36.56 5.47 3.66
N VAL A 600 -36.59 4.68 2.59
CA VAL A 600 -36.00 5.02 1.28
C VAL A 600 -37.03 4.81 0.16
C1 GLA B . 8.84 -2.52 11.81
C2 GLA B . 9.44 -1.20 12.30
C3 GLA B . 10.78 -1.03 11.56
C4 GLA B . 11.59 -2.35 11.47
C5 GLA B . 10.78 -3.47 10.79
C6 GLA B . 11.41 -4.85 10.81
O1 GLA B . 8.44 -2.07 10.51
O2 GLA B . 8.58 -0.13 12.04
O3 GLA B . 11.48 0.01 12.20
O4 GLA B . 12.14 -2.69 12.64
O5 GLA B . 9.46 -3.67 11.32
O6 GLA B . 12.07 -5.11 9.61
C1 GLC B . 13.51 -3.04 12.71
C2 GLC B . 13.83 -3.75 14.02
C3 GLC B . 13.66 -2.80 15.20
C4 GLC B . 14.51 -1.56 14.98
C5 GLC B . 14.15 -0.93 13.63
C6 GLC B . 15.03 0.25 13.22
O2 GLC B . 12.91 -4.82 14.11
O3 GLC B . 14.02 -3.43 16.42
O4 GLC B . 14.28 -0.66 16.02
O5 GLC B . 14.32 -1.89 12.61
O6 GLC B . 16.34 -0.05 13.45
C1 RAM B . 17.14 0.65 14.36
C2 RAM B . 18.53 0.02 14.39
C3 RAM B . 19.34 0.33 13.13
C4 RAM B . 19.26 1.83 12.81
C5 RAM B . 17.79 2.30 12.76
C6 RAM B . 17.68 3.81 12.57
O2 RAM B . 19.19 0.53 15.51
O3 RAM B . 20.70 -0.05 13.26
O4 RAM B . 19.94 2.04 11.58
O5 RAM B . 17.16 2.03 14.00
C1 NAG B . 11.55 1.21 11.60
C2 NAG B . 11.87 2.27 12.67
C3 NAG B . 12.28 3.64 12.12
C4 NAG B . 13.18 3.52 10.90
C5 NAG B . 12.69 2.45 9.96
C6 NAG B . 13.57 2.30 8.72
C7 NAG B . 10.73 2.02 14.80
C8 NAG B . 9.48 2.27 15.59
N2 NAG B . 10.73 2.44 13.54
O3 NAG B . 12.91 4.40 13.14
O4 NAG B . 13.20 4.78 10.26
O5 NAG B . 12.57 1.18 10.63
O6 NAG B . 14.86 1.88 9.08
O7 NAG B . 11.69 1.44 15.32
C TRS C . -25.23 9.96 15.39
C1 TRS C . -25.63 9.98 16.89
C2 TRS C . -23.88 10.73 15.30
C3 TRS C . -25.03 8.50 14.93
N TRS C . -26.26 10.58 14.52
O1 TRS C . -26.93 9.46 17.19
O2 TRS C . -23.30 10.73 13.99
O3 TRS C . -24.16 7.75 15.78
#